data_4KR2
#
_entry.id   4KR2
#
_cell.length_a   135.964
_cell.length_b   88.499
_cell.length_c   80.497
_cell.angle_alpha   90.00
_cell.angle_beta   90.00
_cell.angle_gamma   90.00
#
_symmetry.space_group_name_H-M   'P 21 21 2'
#
loop_
_entity.id
_entity.type
_entity.pdbx_description
1 polymer 'Glycine--tRNA ligase'
2 polymer Gly-tRNA-CCC
3 non-polymer 'ADENOSINE MONOPHOSPHATE'
4 water water
#
loop_
_entity_poly.entity_id
_entity_poly.type
_entity_poly.pdbx_seq_one_letter_code
_entity_poly.pdbx_strand_id
1 'polypeptide(L)'
;MASPKDDIVDRAKMEDTLKRRFFYDQAFAIYGGVSGLYDFGPVGCALKNNIIQTWRQHFIQEEQILEIDCTMLTPEPVLK
TSGHVDKFADFMVKDVKNGECFRADHLLKAHLQKLMSDKKCSVEKKSEMESVLAQLDNYGQQELADLFVNYNVKSPITGN
DLSPPVSFNLMFKTFIGPGGNMPGYLRPETAQGIFLNFKRLLEFNQGKLPFAAAQIGNSFRNEISPRSGLIRVREFTMAE
IEHFVDPSEKDHPKFQNVADLHLYLYSAKAQVSGQSARKMRLGDAVEQGVINNTVLGYFIGRIYLYLTKVGISPDKLRFR
QHMENEMAHYACDCWDAESKTSYGWIEIVGCADRSCYDLSCHARATKVPLVAEKPLKEPKTVNVVQFEPSKGAIGKAYKK
DAKLVMEYLAICDECYITEMEMLLNEKGEFTIETEGKTFQLTKDMINVKRFQKTLYVEEVVPNVIEPSFGLGRIMYTVFE
HTFHVREGDEQRTFFSFPAVVAPFKCSVLPLSQNQEFMPFVKELSEALTRHGVSHKVDDSSGSIGRRYARTDEIGVAFGV
TIDFDTVNKTPHTATLRDRDSMRQIRAEISELPSIVQDLANGNITWADVEARYPLFEGQETGKKETIEELEHHHHHH
;
A
2 'polyribonucleotide' (GTP)CGCCGCUGGUGUAGUGGUAUCAUGCAAGAUUCCCAUUCUUGCGACCCGGGUUCGAUUCCCGGGCGGCGCACCA C
#
loop_
_chem_comp.id
_chem_comp.type
_chem_comp.name
_chem_comp.formula
A RNA linking ADENOSINE-5'-MONOPHOSPHATE 'C10 H14 N5 O7 P'
AMP non-polymer 'ADENOSINE MONOPHOSPHATE' 'C10 H14 N5 O7 P'
C RNA linking CYTIDINE-5'-MONOPHOSPHATE 'C9 H14 N3 O8 P'
G RNA linking GUANOSINE-5'-MONOPHOSPHATE 'C10 H14 N5 O8 P'
GTP non-polymer GUANOSINE-5'-TRIPHOSPHATE 'C10 H16 N5 O14 P3'
U RNA linking URIDINE-5'-MONOPHOSPHATE 'C9 H13 N2 O9 P'
#
# COMPACT_ATOMS: atom_id res chain seq x y z
N ILE A 8 -11.96 4.69 -18.35
CA ILE A 8 -11.74 3.84 -17.18
C ILE A 8 -11.71 2.37 -17.58
N VAL A 9 -12.74 1.94 -18.29
CA VAL A 9 -12.85 0.56 -18.73
C VAL A 9 -11.78 0.24 -19.77
N ASP A 10 -11.30 1.28 -20.46
CA ASP A 10 -10.39 1.07 -21.58
C ASP A 10 -8.94 0.83 -21.13
N ARG A 11 -8.57 -0.45 -21.07
CA ARG A 11 -7.24 -0.85 -20.64
C ARG A 11 -6.13 -0.47 -21.63
N ALA A 12 -6.46 -0.40 -22.92
CA ALA A 12 -5.47 -0.05 -23.94
C ALA A 12 -5.00 1.41 -23.84
N LYS A 13 -5.97 2.32 -23.72
CA LYS A 13 -5.69 3.73 -23.50
C LYS A 13 -4.85 3.93 -22.27
N MET A 14 -5.23 3.25 -21.19
CA MET A 14 -4.55 3.35 -19.92
C MET A 14 -3.12 2.86 -20.04
N GLU A 15 -2.97 1.64 -20.54
CA GLU A 15 -1.65 1.04 -20.74
C GLU A 15 -0.76 1.98 -21.53
N ASP A 16 -1.35 2.60 -22.55
CA ASP A 16 -0.63 3.58 -23.33
C ASP A 16 -0.15 4.74 -22.46
N THR A 17 -1.07 5.36 -21.73
CA THR A 17 -0.69 6.52 -20.90
C THR A 17 0.36 6.14 -19.84
N LEU A 18 0.31 4.90 -19.37
CA LEU A 18 1.29 4.40 -18.42
C LEU A 18 2.67 4.29 -19.06
N LYS A 19 2.71 3.69 -20.24
CA LYS A 19 3.97 3.49 -20.96
C LYS A 19 4.61 4.82 -21.38
N ARG A 20 3.80 5.69 -21.99
CA ARG A 20 4.29 6.93 -22.59
C ARG A 20 4.92 7.88 -21.56
N ARG A 21 4.24 8.08 -20.43
CA ARG A 21 4.72 8.99 -19.40
C ARG A 21 5.62 8.28 -18.39
N PHE A 22 6.01 7.05 -18.72
CA PHE A 22 6.96 6.26 -17.94
C PHE A 22 6.54 6.09 -16.48
N PHE A 23 5.34 5.56 -16.26
CA PHE A 23 4.94 5.12 -14.94
C PHE A 23 5.75 3.88 -14.59
N TYR A 24 5.63 2.87 -15.44
CA TYR A 24 6.55 1.74 -15.41
C TYR A 24 6.90 1.34 -16.83
N ASP A 25 7.79 0.37 -16.98
CA ASP A 25 8.20 -0.10 -18.30
C ASP A 25 8.91 -1.43 -18.20
N GLN A 26 8.83 -2.21 -19.27
CA GLN A 26 9.51 -3.49 -19.38
C GLN A 26 10.99 -3.33 -19.04
N ALA A 27 11.51 -4.28 -18.26
CA ALA A 27 12.90 -4.22 -17.81
C ALA A 27 13.86 -4.55 -18.94
N PHE A 28 14.95 -3.80 -19.02
CA PHE A 28 16.00 -4.04 -20.02
C PHE A 28 15.48 -4.01 -21.45
N ALA A 29 14.53 -3.12 -21.72
CA ALA A 29 13.88 -3.06 -23.03
C ALA A 29 14.84 -2.80 -24.19
N ILE A 30 16.00 -2.20 -23.92
CA ILE A 30 16.99 -1.96 -24.97
C ILE A 30 17.74 -3.25 -25.31
N TYR A 31 17.71 -4.21 -24.39
CA TYR A 31 18.34 -5.51 -24.62
C TYR A 31 17.29 -6.53 -25.06
N GLY A 32 16.11 -6.04 -25.41
CA GLY A 32 15.03 -6.90 -25.84
C GLY A 32 13.90 -6.96 -24.83
N GLY A 33 14.22 -6.73 -23.58
CA GLY A 33 13.25 -6.82 -22.51
C GLY A 33 13.19 -8.24 -21.98
N VAL A 34 12.72 -8.40 -20.75
CA VAL A 34 12.52 -9.72 -20.17
C VAL A 34 11.12 -9.78 -19.56
N SER A 35 10.38 -10.83 -19.88
CA SER A 35 9.01 -10.97 -19.41
C SER A 35 8.94 -11.05 -17.90
N GLY A 36 7.96 -10.38 -17.31
CA GLY A 36 7.69 -10.50 -15.89
C GLY A 36 8.60 -9.69 -15.00
N LEU A 37 9.40 -8.83 -15.59
CA LEU A 37 10.28 -7.93 -14.83
C LEU A 37 10.05 -6.50 -15.29
N TYR A 38 9.75 -5.61 -14.34
CA TYR A 38 9.36 -4.24 -14.66
C TYR A 38 10.08 -3.19 -13.84
N ASP A 39 10.48 -2.10 -14.49
CA ASP A 39 11.15 -0.97 -13.84
C ASP A 39 10.22 0.23 -13.71
N PHE A 40 10.21 0.84 -12.54
CA PHE A 40 9.28 1.91 -12.23
C PHE A 40 9.91 3.29 -12.36
N GLY A 41 9.47 4.08 -13.34
CA GLY A 41 10.00 5.41 -13.55
C GLY A 41 9.67 6.38 -12.43
N PRO A 42 9.99 7.67 -12.64
CA PRO A 42 9.78 8.74 -11.66
C PRO A 42 8.39 8.76 -11.03
N VAL A 43 7.35 8.82 -11.86
CA VAL A 43 5.99 8.87 -11.35
C VAL A 43 5.56 7.56 -10.67
N GLY A 44 5.90 6.44 -11.30
CA GLY A 44 5.63 5.14 -10.71
C GLY A 44 6.30 4.99 -9.36
N CYS A 45 7.59 5.35 -9.31
CA CYS A 45 8.36 5.26 -8.08
C CYS A 45 7.80 6.15 -6.99
N ALA A 46 7.38 7.36 -7.38
CA ALA A 46 6.83 8.33 -6.45
C ALA A 46 5.53 7.83 -5.84
N LEU A 47 4.70 7.24 -6.69
CA LEU A 47 3.42 6.67 -6.25
C LEU A 47 3.65 5.46 -5.33
N LYS A 48 4.61 4.62 -5.70
CA LYS A 48 5.00 3.46 -4.91
C LYS A 48 5.44 3.88 -3.52
N ASN A 49 6.36 4.84 -3.48
CA ASN A 49 6.84 5.40 -2.23
C ASN A 49 5.72 5.98 -1.38
N ASN A 50 4.91 6.87 -1.95
CA ASN A 50 3.78 7.46 -1.23
C ASN A 50 2.87 6.38 -0.61
N ILE A 51 2.51 5.39 -1.42
CA ILE A 51 1.74 4.24 -0.96
C ILE A 51 2.40 3.56 0.24
N ILE A 52 3.71 3.33 0.15
CA ILE A 52 4.44 2.66 1.23
C ILE A 52 4.49 3.48 2.52
N GLN A 53 4.74 4.78 2.39
CA GLN A 53 4.75 5.68 3.53
C GLN A 53 3.39 5.68 4.24
N THR A 54 2.33 5.78 3.44
CA THR A 54 0.97 5.74 3.98
C THR A 54 0.71 4.42 4.70
N TRP A 55 1.14 3.32 4.10
CA TRP A 55 1.01 2.01 4.71
C TRP A 55 1.71 1.95 6.06
N ARG A 56 2.94 2.45 6.09
CA ARG A 56 3.78 2.44 7.28
C ARG A 56 3.14 3.22 8.41
N GLN A 57 2.63 4.41 8.09
CA GLN A 57 2.03 5.23 9.13
C GLN A 57 0.57 4.88 9.38
N HIS A 58 0.08 3.86 8.67
CA HIS A 58 -1.26 3.32 8.88
C HIS A 58 -1.22 2.14 9.83
N PHE A 59 -0.30 1.21 9.58
CA PHE A 59 -0.21 0.01 10.40
C PHE A 59 0.93 0.08 11.42
N ILE A 60 2.14 0.35 10.95
CA ILE A 60 3.33 0.31 11.81
C ILE A 60 3.27 1.30 12.97
N GLN A 61 2.92 2.55 12.68
CA GLN A 61 2.82 3.57 13.71
C GLN A 61 1.64 3.32 14.65
N GLU A 62 0.47 3.09 14.07
CA GLU A 62 -0.76 2.96 14.83
C GLU A 62 -0.77 1.72 15.73
N GLU A 63 -0.08 0.67 15.31
CA GLU A 63 -0.02 -0.54 16.11
C GLU A 63 1.31 -0.74 16.81
N GLN A 64 2.26 0.18 16.58
CA GLN A 64 3.60 0.11 17.18
C GLN A 64 4.26 -1.22 16.88
N ILE A 65 4.30 -1.54 15.59
CA ILE A 65 4.79 -2.82 15.08
C ILE A 65 6.32 -2.82 14.94
N LEU A 66 6.95 -3.91 15.36
CA LEU A 66 8.40 -4.06 15.25
C LEU A 66 8.81 -4.37 13.82
N GLU A 67 9.28 -3.36 13.09
CA GLU A 67 9.68 -3.60 11.71
C GLU A 67 11.17 -3.94 11.61
N ILE A 68 11.48 -4.85 10.68
CA ILE A 68 12.85 -5.34 10.53
C ILE A 68 13.30 -5.38 9.06
N ASP A 69 14.61 -5.37 8.85
CA ASP A 69 15.19 -5.61 7.53
C ASP A 69 15.86 -6.97 7.52
N CYS A 70 15.41 -7.87 6.65
CA CYS A 70 16.05 -9.17 6.53
C CYS A 70 16.66 -9.35 5.14
N THR A 71 17.52 -10.35 5.01
CA THR A 71 18.26 -10.56 3.78
C THR A 71 17.41 -11.30 2.76
N MET A 72 17.72 -11.14 1.48
CA MET A 72 16.90 -11.74 0.43
C MET A 72 17.38 -13.14 0.09
N LEU A 73 18.69 -13.35 0.18
CA LEU A 73 19.26 -14.68 0.03
C LEU A 73 18.76 -15.57 1.16
N THR A 74 18.72 -16.88 0.93
CA THR A 74 18.23 -17.80 1.94
C THR A 74 18.83 -19.20 1.78
N PRO A 75 19.42 -19.73 2.85
CA PRO A 75 19.96 -21.09 2.76
C PRO A 75 18.85 -22.11 2.51
N GLU A 76 19.17 -23.10 1.67
CA GLU A 76 18.26 -24.19 1.34
C GLU A 76 17.54 -24.88 2.53
N PRO A 77 18.25 -25.11 3.65
CA PRO A 77 17.57 -25.75 4.80
C PRO A 77 16.38 -24.96 5.33
N VAL A 78 16.50 -23.63 5.37
CA VAL A 78 15.42 -22.77 5.85
C VAL A 78 14.15 -22.98 5.02
N LEU A 79 14.32 -23.00 3.70
CA LEU A 79 13.19 -23.16 2.79
C LEU A 79 12.77 -24.61 2.63
N LYS A 80 13.56 -25.53 3.17
CA LYS A 80 13.17 -26.93 3.19
C LYS A 80 12.29 -27.20 4.41
N THR A 81 12.63 -26.54 5.51
CA THR A 81 11.85 -26.65 6.73
C THR A 81 10.44 -26.08 6.53
N SER A 82 10.35 -24.98 5.79
CA SER A 82 9.06 -24.36 5.51
C SER A 82 8.33 -25.04 4.35
N GLY A 83 9.00 -26.01 3.73
CA GLY A 83 8.39 -26.80 2.67
C GLY A 83 8.12 -26.06 1.37
N HIS A 84 8.88 -25.00 1.12
CA HIS A 84 8.76 -24.27 -0.14
C HIS A 84 9.40 -25.05 -1.26
N VAL A 85 10.62 -25.53 -1.03
CA VAL A 85 11.17 -26.56 -1.90
C VAL A 85 10.37 -27.82 -1.58
N ASP A 86 9.37 -28.06 -2.44
CA ASP A 86 8.35 -29.12 -2.41
C ASP A 86 6.98 -28.52 -2.69
N PHE A 168 13.88 -28.18 -12.37
CA PHE A 168 12.95 -27.14 -12.81
C PHE A 168 12.05 -26.71 -11.65
N ASN A 169 12.41 -25.59 -11.03
CA ASN A 169 11.77 -25.15 -9.80
C ASN A 169 11.42 -23.66 -9.77
N LEU A 170 10.25 -23.34 -9.23
CA LEU A 170 9.68 -22.00 -9.28
C LEU A 170 10.42 -20.95 -8.42
N MET A 171 11.53 -21.36 -7.81
CA MET A 171 12.35 -20.43 -7.03
C MET A 171 13.66 -20.16 -7.76
N PHE A 172 14.29 -19.03 -7.44
CA PHE A 172 15.55 -18.64 -8.07
C PHE A 172 16.77 -19.20 -7.33
N LYS A 173 17.40 -20.20 -7.94
CA LYS A 173 18.47 -20.95 -7.27
C LYS A 173 19.86 -20.39 -7.54
N THR A 174 20.64 -20.23 -6.47
CA THR A 174 22.02 -19.77 -6.58
C THR A 174 22.90 -20.50 -5.56
N PHE A 175 24.15 -20.09 -5.47
CA PHE A 175 25.08 -20.64 -4.49
C PHE A 175 25.73 -19.51 -3.69
N ILE A 176 26.11 -19.80 -2.45
CA ILE A 176 26.67 -18.77 -1.58
C ILE A 176 28.16 -18.99 -1.30
N GLY A 177 28.92 -17.92 -1.39
CA GLY A 177 30.34 -17.97 -1.08
C GLY A 177 31.18 -18.59 -2.18
N PRO A 178 32.32 -19.20 -1.80
CA PRO A 178 33.25 -19.90 -2.69
C PRO A 178 32.57 -20.84 -3.68
N GLY A 179 32.21 -22.05 -3.24
CA GLY A 179 31.69 -23.06 -4.15
C GLY A 179 30.26 -23.48 -3.89
N GLY A 180 29.91 -24.66 -4.42
CA GLY A 180 28.55 -25.16 -4.35
C GLY A 180 28.26 -26.05 -3.16
N ASN A 181 28.90 -25.76 -2.04
CA ASN A 181 28.61 -26.45 -0.79
C ASN A 181 27.35 -25.87 -0.20
N MET A 182 27.16 -24.57 -0.39
CA MET A 182 26.08 -23.84 0.25
C MET A 182 25.16 -23.21 -0.78
N PRO A 183 24.19 -23.98 -1.28
CA PRO A 183 23.21 -23.44 -2.22
C PRO A 183 22.08 -22.69 -1.51
N GLY A 184 21.61 -21.62 -2.14
CA GLY A 184 20.53 -20.82 -1.57
C GLY A 184 19.51 -20.40 -2.60
N TYR A 185 18.48 -19.71 -2.14
CA TYR A 185 17.44 -19.21 -3.02
C TYR A 185 17.16 -17.74 -2.74
N LEU A 186 16.37 -17.13 -3.62
CA LEU A 186 15.88 -15.78 -3.40
C LEU A 186 14.52 -15.92 -2.72
N ARG A 187 14.34 -15.24 -1.59
CA ARG A 187 13.13 -15.40 -0.79
C ARG A 187 11.85 -15.21 -1.59
N PRO A 188 10.90 -16.16 -1.46
CA PRO A 188 9.62 -16.09 -2.16
C PRO A 188 8.64 -15.25 -1.37
N GLU A 189 9.07 -14.84 -0.17
CA GLU A 189 8.23 -14.12 0.76
C GLU A 189 9.11 -13.50 1.86
N THR A 190 8.66 -12.40 2.42
CA THR A 190 9.43 -11.68 3.43
C THR A 190 8.98 -12.07 4.84
N ALA A 191 8.34 -13.23 4.94
CA ALA A 191 7.77 -13.70 6.20
C ALA A 191 8.79 -14.45 7.05
N GLN A 192 9.59 -15.27 6.39
CA GLN A 192 10.51 -16.20 7.06
C GLN A 192 11.43 -15.55 8.10
N GLY A 193 12.12 -14.48 7.70
CA GLY A 193 13.06 -13.80 8.58
C GLY A 193 12.48 -13.39 9.91
N ILE A 194 11.21 -12.99 9.90
CA ILE A 194 10.50 -12.61 11.11
C ILE A 194 10.43 -13.77 12.10
N PHE A 195 10.04 -14.93 11.58
CA PHE A 195 9.99 -16.15 12.37
C PHE A 195 11.38 -16.53 12.88
N LEU A 196 12.37 -16.46 11.99
CA LEU A 196 13.74 -16.80 12.35
C LEU A 196 14.35 -15.82 13.35
N ASN A 197 13.73 -14.65 13.52
CA ASN A 197 14.21 -13.67 14.50
C ASN A 197 13.20 -13.49 15.65
N PHE A 198 12.25 -14.40 15.72
CA PHE A 198 11.21 -14.40 16.75
C PHE A 198 11.70 -14.20 18.18
N LYS A 199 12.72 -14.95 18.60
CA LYS A 199 13.17 -14.91 19.99
C LYS A 199 13.63 -13.52 20.42
N ARG A 200 14.41 -12.87 19.57
CA ARG A 200 14.86 -11.52 19.84
C ARG A 200 13.72 -10.51 19.72
N LEU A 201 12.80 -10.75 18.79
CA LEU A 201 11.62 -9.89 18.71
C LEU A 201 10.78 -9.96 20.00
N LEU A 202 10.62 -11.16 20.53
CA LEU A 202 9.79 -11.39 21.71
C LEU A 202 10.48 -10.81 22.93
N GLU A 203 11.81 -10.97 22.99
CA GLU A 203 12.57 -10.36 24.06
C GLU A 203 12.46 -8.84 24.03
N PHE A 204 12.58 -8.26 22.85
CA PHE A 204 12.52 -6.81 22.68
C PHE A 204 11.20 -6.25 23.22
N ASN A 205 10.12 -7.00 23.03
CA ASN A 205 8.81 -6.62 23.54
C ASN A 205 8.62 -7.10 24.99
N GLN A 206 9.75 -7.33 25.67
CA GLN A 206 9.78 -7.70 27.10
C GLN A 206 9.19 -9.08 27.38
N GLY A 207 9.06 -9.91 26.35
CA GLY A 207 8.49 -11.24 26.50
C GLY A 207 6.97 -11.24 26.53
N LYS A 208 6.38 -10.05 26.51
CA LYS A 208 4.93 -9.93 26.64
C LYS A 208 4.20 -10.20 25.33
N LEU A 209 2.93 -10.56 25.45
CA LEU A 209 2.07 -10.76 24.30
C LEU A 209 0.86 -9.85 24.43
N PRO A 210 0.21 -9.49 23.30
CA PRO A 210 0.59 -9.83 21.93
C PRO A 210 1.67 -8.90 21.38
N PHE A 211 2.19 -9.21 20.20
CA PHE A 211 3.11 -8.29 19.54
C PHE A 211 3.18 -8.52 18.04
N ALA A 212 3.44 -7.45 17.30
CA ALA A 212 3.48 -7.51 15.85
C ALA A 212 4.83 -7.14 15.28
N ALA A 213 5.31 -7.95 14.34
CA ALA A 213 6.46 -7.62 13.54
C ALA A 213 5.98 -7.40 12.11
N ALA A 214 6.87 -6.93 11.24
CA ALA A 214 6.49 -6.68 9.85
C ALA A 214 7.72 -6.50 8.96
N GLN A 215 7.59 -6.87 7.69
CA GLN A 215 8.68 -6.67 6.75
C GLN A 215 8.22 -6.20 5.38
N ILE A 216 8.71 -5.02 4.98
CA ILE A 216 8.47 -4.48 3.66
C ILE A 216 9.65 -4.81 2.77
N GLY A 217 9.42 -5.54 1.70
CA GLY A 217 10.52 -5.94 0.83
C GLY A 217 10.19 -6.73 -0.41
N ASN A 218 11.21 -6.96 -1.23
CA ASN A 218 11.07 -7.67 -2.48
C ASN A 218 11.13 -9.19 -2.34
N SER A 219 10.29 -9.88 -3.09
CA SER A 219 10.28 -11.33 -3.13
C SER A 219 10.29 -11.79 -4.59
N PHE A 220 10.65 -13.05 -4.80
CA PHE A 220 11.02 -13.52 -6.14
C PHE A 220 10.44 -14.89 -6.48
N ARG A 221 9.71 -14.94 -7.60
CA ARG A 221 9.15 -16.20 -8.08
C ARG A 221 9.54 -16.44 -9.54
N ASN A 222 10.13 -17.58 -9.82
CA ASN A 222 10.43 -17.94 -11.19
C ASN A 222 9.18 -18.46 -11.89
N GLU A 223 8.24 -17.57 -12.15
CA GLU A 223 7.03 -17.94 -12.87
C GLU A 223 7.43 -18.32 -14.30
N ILE A 224 6.65 -19.18 -14.93
CA ILE A 224 6.97 -19.64 -16.28
C ILE A 224 6.45 -18.68 -17.35
N SER A 225 5.15 -18.44 -17.35
CA SER A 225 4.56 -17.49 -18.26
C SER A 225 3.87 -16.36 -17.50
N PRO A 226 4.59 -15.25 -17.29
CA PRO A 226 4.01 -14.03 -16.73
C PRO A 226 3.22 -13.25 -17.78
N ARG A 227 1.98 -12.92 -17.44
CA ARG A 227 1.15 -12.05 -18.28
C ARG A 227 0.56 -10.94 -17.42
N SER A 228 -0.41 -10.24 -17.98
CA SER A 228 -1.18 -9.23 -17.26
C SER A 228 -0.33 -8.10 -16.67
N GLY A 229 0.93 -8.01 -17.09
CA GLY A 229 1.83 -6.99 -16.59
C GLY A 229 2.19 -7.19 -15.13
N LEU A 230 1.77 -6.25 -14.28
CA LEU A 230 2.14 -6.28 -12.86
C LEU A 230 1.45 -7.41 -12.10
N ILE A 231 0.32 -7.88 -12.62
CA ILE A 231 -0.46 -8.91 -11.95
C ILE A 231 0.35 -10.18 -11.66
N ARG A 232 1.11 -10.63 -12.64
CA ARG A 232 1.98 -11.77 -12.44
C ARG A 232 3.40 -11.46 -12.93
N VAL A 233 4.26 -11.07 -12.00
CA VAL A 233 5.66 -10.79 -12.29
C VAL A 233 6.57 -11.80 -11.59
N ARG A 234 7.88 -11.58 -11.66
CA ARG A 234 8.84 -12.52 -11.12
C ARG A 234 9.64 -11.95 -9.97
N GLU A 235 9.42 -10.66 -9.72
CA GLU A 235 10.05 -9.97 -8.61
C GLU A 235 9.12 -8.85 -8.24
N PHE A 236 8.84 -8.69 -6.95
CA PHE A 236 7.84 -7.71 -6.55
C PHE A 236 7.89 -7.32 -5.08
N THR A 237 7.37 -6.14 -4.78
CA THR A 237 7.42 -5.63 -3.42
C THR A 237 6.14 -5.99 -2.66
N MET A 238 6.32 -6.70 -1.56
CA MET A 238 5.22 -7.00 -0.66
C MET A 238 5.51 -6.48 0.74
N ALA A 239 4.45 -6.10 1.45
CA ALA A 239 4.57 -5.67 2.83
C ALA A 239 3.83 -6.68 3.70
N GLU A 240 4.57 -7.39 4.55
CA GLU A 240 3.93 -8.42 5.36
C GLU A 240 3.84 -8.03 6.83
N ILE A 241 2.77 -8.45 7.48
CA ILE A 241 2.63 -8.21 8.93
C ILE A 241 2.37 -9.49 9.70
N GLU A 242 3.23 -9.76 10.69
CA GLU A 242 3.05 -10.89 11.58
C GLU A 242 2.48 -10.45 12.92
N HIS A 243 1.30 -10.95 13.24
CA HIS A 243 0.69 -10.69 14.54
C HIS A 243 0.75 -11.94 15.40
N PHE A 244 1.43 -11.83 16.54
CA PHE A 244 1.56 -12.94 17.47
C PHE A 244 0.68 -12.71 18.69
N VAL A 245 -0.27 -13.61 18.88
CA VAL A 245 -1.30 -13.45 19.87
C VAL A 245 -1.55 -14.76 20.63
N ASP A 246 -1.79 -14.63 21.93
CA ASP A 246 -2.16 -15.76 22.76
C ASP A 246 -3.44 -16.37 22.21
N PRO A 247 -3.40 -17.68 21.87
CA PRO A 247 -4.58 -18.39 21.36
C PRO A 247 -5.79 -18.23 22.27
N SER A 248 -5.54 -17.99 23.56
CA SER A 248 -6.60 -17.88 24.56
C SER A 248 -7.03 -16.43 24.80
N GLU A 249 -6.25 -15.47 24.30
CA GLU A 249 -6.54 -14.05 24.49
C GLU A 249 -6.72 -13.30 23.17
N LYS A 250 -7.30 -13.98 22.19
CA LYS A 250 -7.50 -13.43 20.86
C LYS A 250 -8.75 -12.54 20.82
N ASP A 251 -8.59 -11.29 21.24
CA ASP A 251 -9.69 -10.34 21.30
C ASP A 251 -9.12 -8.93 21.32
N HIS A 252 -9.41 -8.16 20.28
CA HIS A 252 -8.76 -6.88 20.05
C HIS A 252 -9.48 -5.71 20.73
N PRO A 253 -8.75 -4.93 21.55
CA PRO A 253 -9.28 -3.80 22.33
C PRO A 253 -9.52 -2.53 21.51
N LYS A 254 -9.17 -2.52 20.22
CA LYS A 254 -9.41 -1.35 19.39
C LYS A 254 -10.46 -1.61 18.31
N PHE A 255 -11.35 -2.57 18.57
CA PHE A 255 -12.28 -3.04 17.53
C PHE A 255 -13.50 -2.16 17.31
N GLN A 256 -13.92 -1.41 18.34
CA GLN A 256 -15.08 -0.53 18.22
C GLN A 256 -14.75 0.69 17.34
N ASN A 257 -13.49 0.82 16.93
CA ASN A 257 -13.11 1.86 15.98
C ASN A 257 -13.48 1.43 14.54
N VAL A 258 -13.53 0.13 14.31
CA VAL A 258 -13.88 -0.43 13.01
C VAL A 258 -15.24 -1.13 13.06
N ALA A 259 -15.93 -0.99 14.17
CA ALA A 259 -17.20 -1.70 14.41
C ALA A 259 -18.32 -1.31 13.44
N ASP A 260 -18.53 -0.01 13.27
CA ASP A 260 -19.65 0.48 12.46
C ASP A 260 -19.35 0.53 10.96
N LEU A 261 -18.28 -0.15 10.56
CA LEU A 261 -17.81 -0.13 9.19
C LEU A 261 -18.55 -1.14 8.32
N HIS A 262 -18.93 -0.73 7.10
CA HIS A 262 -19.71 -1.59 6.21
C HIS A 262 -18.90 -2.12 5.01
N LEU A 263 -18.77 -3.43 4.90
CA LEU A 263 -17.93 -4.08 3.89
C LEU A 263 -18.69 -5.10 3.07
N TYR A 264 -18.09 -5.50 1.95
CA TYR A 264 -18.58 -6.63 1.17
C TYR A 264 -17.86 -7.91 1.56
N LEU A 265 -18.57 -8.79 2.25
CA LEU A 265 -17.99 -10.05 2.69
C LEU A 265 -18.43 -11.19 1.77
N TYR A 266 -17.47 -11.97 1.31
CA TYR A 266 -17.77 -13.12 0.47
C TYR A 266 -17.41 -14.39 1.21
N SER A 267 -18.31 -14.84 2.09
CA SER A 267 -18.07 -16.02 2.90
C SER A 267 -18.11 -17.30 2.06
N ALA A 268 -17.42 -18.33 2.55
CA ALA A 268 -17.36 -19.62 1.89
C ALA A 268 -18.75 -20.22 1.72
N LYS A 269 -19.57 -20.04 2.74
CA LYS A 269 -20.96 -20.49 2.72
C LYS A 269 -21.68 -19.91 1.52
N ALA A 270 -21.60 -18.59 1.36
CA ALA A 270 -22.19 -17.89 0.22
C ALA A 270 -21.64 -18.39 -1.12
N GLN A 271 -20.38 -18.82 -1.12
CA GLN A 271 -19.72 -19.30 -2.33
C GLN A 271 -20.23 -20.66 -2.78
N VAL A 272 -20.25 -21.62 -1.86
CA VAL A 272 -20.79 -22.95 -2.19
C VAL A 272 -22.31 -22.91 -2.35
N SER A 273 -22.93 -21.81 -1.93
CA SER A 273 -24.37 -21.65 -2.05
C SER A 273 -24.77 -20.92 -3.32
N GLY A 274 -23.81 -20.69 -4.21
CA GLY A 274 -24.07 -20.03 -5.47
C GLY A 274 -24.60 -18.61 -5.31
N GLN A 275 -24.14 -17.94 -4.26
CA GLN A 275 -24.55 -16.56 -3.97
C GLN A 275 -23.39 -15.60 -4.23
N SER A 276 -23.64 -14.32 -3.97
CA SER A 276 -22.62 -13.30 -4.12
C SER A 276 -22.25 -12.73 -2.76
N ALA A 277 -21.36 -11.73 -2.76
CA ALA A 277 -20.92 -11.10 -1.52
C ALA A 277 -22.04 -10.30 -0.86
N ARG A 278 -21.85 -9.96 0.41
CA ARG A 278 -22.89 -9.26 1.15
C ARG A 278 -22.30 -8.05 1.85
N LYS A 279 -23.03 -6.93 1.85
CA LYS A 279 -22.57 -5.76 2.59
C LYS A 279 -23.01 -5.80 4.04
N MET A 280 -22.14 -6.35 4.89
CA MET A 280 -22.40 -6.44 6.32
C MET A 280 -21.65 -5.35 7.08
N ARG A 281 -22.19 -5.01 8.24
CA ARG A 281 -21.45 -4.25 9.22
C ARG A 281 -20.47 -5.24 9.87
N LEU A 282 -19.37 -4.74 10.42
CA LEU A 282 -18.31 -5.62 10.94
C LEU A 282 -18.68 -6.31 12.27
N GLY A 283 -19.24 -5.55 13.21
CA GLY A 283 -19.65 -6.09 14.49
C GLY A 283 -20.74 -7.13 14.34
N ASP A 284 -21.72 -6.83 13.49
CA ASP A 284 -22.77 -7.77 13.15
C ASP A 284 -22.13 -9.04 12.61
N ALA A 285 -21.16 -8.84 11.73
CA ALA A 285 -20.42 -9.94 11.13
C ALA A 285 -19.82 -10.86 12.18
N VAL A 286 -19.05 -10.31 13.12
CA VAL A 286 -18.43 -11.15 14.14
C VAL A 286 -19.43 -11.80 15.12
N GLU A 287 -20.52 -11.09 15.43
CA GLU A 287 -21.55 -11.66 16.29
C GLU A 287 -22.13 -12.95 15.70
N GLN A 288 -22.65 -12.84 14.47
CA GLN A 288 -23.22 -13.98 13.76
C GLN A 288 -22.15 -15.03 13.41
N GLY A 289 -20.93 -14.78 13.84
CA GLY A 289 -19.86 -15.75 13.74
C GLY A 289 -19.27 -15.95 12.36
N VAL A 290 -19.67 -15.10 11.41
CA VAL A 290 -19.13 -15.23 10.06
C VAL A 290 -17.63 -14.90 10.08
N ILE A 291 -17.24 -13.98 10.95
CA ILE A 291 -15.83 -13.72 11.21
C ILE A 291 -15.47 -14.19 12.62
N ASN A 292 -14.61 -15.18 12.65
CA ASN A 292 -14.17 -15.88 13.85
C ASN A 292 -14.01 -14.96 15.07
N ASN A 293 -13.29 -13.85 14.92
CA ASN A 293 -12.96 -13.02 16.08
C ASN A 293 -12.87 -11.50 15.79
N THR A 294 -12.53 -10.74 16.82
CA THR A 294 -12.42 -9.29 16.69
C THR A 294 -11.00 -8.83 16.33
N VAL A 295 -10.06 -9.76 16.34
CA VAL A 295 -8.70 -9.44 15.89
C VAL A 295 -8.65 -9.51 14.36
N LEU A 296 -9.10 -10.62 13.81
CA LEU A 296 -9.28 -10.74 12.37
C LEU A 296 -10.24 -9.65 11.89
N GLY A 297 -11.27 -9.39 12.70
CA GLY A 297 -12.22 -8.34 12.41
C GLY A 297 -11.56 -6.97 12.32
N TYR A 298 -10.78 -6.64 13.35
CA TYR A 298 -10.08 -5.36 13.41
C TYR A 298 -9.13 -5.19 12.24
N PHE A 299 -8.31 -6.22 12.00
CA PHE A 299 -7.40 -6.21 10.87
C PHE A 299 -8.14 -5.97 9.58
N ILE A 300 -9.24 -6.70 9.36
CA ILE A 300 -10.05 -6.55 8.16
C ILE A 300 -10.55 -5.11 7.99
N GLY A 301 -11.03 -4.52 9.08
CA GLY A 301 -11.42 -3.12 9.08
C GLY A 301 -10.31 -2.18 8.65
N ARG A 302 -9.16 -2.30 9.30
CA ARG A 302 -8.00 -1.45 8.99
C ARG A 302 -7.51 -1.61 7.56
N ILE A 303 -7.41 -2.86 7.12
CA ILE A 303 -7.00 -3.19 5.75
C ILE A 303 -7.94 -2.53 4.76
N TYR A 304 -9.25 -2.68 4.99
CA TYR A 304 -10.25 -1.97 4.20
C TYR A 304 -9.93 -0.48 4.13
N LEU A 305 -9.87 0.15 5.30
CA LEU A 305 -9.66 1.60 5.40
C LEU A 305 -8.43 2.05 4.63
N TYR A 306 -7.38 1.24 4.71
CA TYR A 306 -6.14 1.53 4.00
C TYR A 306 -6.34 1.47 2.50
N LEU A 307 -6.84 0.34 2.02
CA LEU A 307 -7.01 0.13 0.58
C LEU A 307 -7.92 1.19 -0.04
N THR A 308 -8.94 1.62 0.69
CA THR A 308 -9.81 2.69 0.20
C THR A 308 -9.10 4.06 0.27
N LYS A 309 -8.27 4.24 1.30
CA LYS A 309 -7.50 5.49 1.46
C LYS A 309 -6.59 5.79 0.29
N VAL A 310 -5.97 4.74 -0.27
CA VAL A 310 -5.00 4.92 -1.35
C VAL A 310 -5.66 5.05 -2.72
N GLY A 311 -6.96 4.77 -2.81
CA GLY A 311 -7.70 5.05 -4.02
C GLY A 311 -8.56 3.96 -4.60
N ILE A 312 -8.61 2.81 -3.93
CA ILE A 312 -9.46 1.72 -4.40
C ILE A 312 -10.92 2.00 -4.05
N SER A 313 -11.80 1.80 -5.02
CA SER A 313 -13.22 2.06 -4.83
C SER A 313 -13.90 0.91 -4.10
N PRO A 314 -14.69 1.23 -3.06
CA PRO A 314 -15.40 0.27 -2.21
C PRO A 314 -16.26 -0.72 -3.01
N ASP A 315 -17.01 -0.21 -3.98
CA ASP A 315 -17.93 -1.01 -4.80
C ASP A 315 -17.23 -2.16 -5.53
N LYS A 316 -15.96 -1.94 -5.87
CA LYS A 316 -15.16 -2.97 -6.54
C LYS A 316 -14.11 -3.56 -5.62
N LEU A 317 -14.42 -3.62 -4.32
CA LEU A 317 -13.52 -4.18 -3.33
C LEU A 317 -14.26 -5.10 -2.35
N ARG A 318 -13.86 -6.36 -2.28
CA ARG A 318 -14.52 -7.31 -1.38
C ARG A 318 -13.53 -8.17 -0.59
N PHE A 319 -14.02 -8.86 0.42
CA PHE A 319 -13.19 -9.77 1.20
C PHE A 319 -13.70 -11.20 1.11
N ARG A 320 -13.07 -11.99 0.25
CA ARG A 320 -13.49 -13.38 0.06
C ARG A 320 -12.79 -14.32 1.04
N GLN A 321 -13.57 -14.98 1.87
CA GLN A 321 -13.04 -16.00 2.78
C GLN A 321 -12.58 -17.21 1.97
N HIS A 322 -11.42 -17.74 2.32
CA HIS A 322 -10.91 -18.95 1.67
C HIS A 322 -11.79 -20.13 1.98
N MET A 323 -11.89 -21.06 1.03
CA MET A 323 -12.65 -22.29 1.24
C MET A 323 -11.81 -23.52 0.94
N GLU A 324 -12.14 -24.61 1.64
CA GLU A 324 -11.40 -25.86 1.53
C GLU A 324 -11.42 -26.43 0.12
N CYS A 332 -6.24 -22.62 9.75
CA CYS A 332 -5.90 -22.35 8.36
C CYS A 332 -6.96 -21.46 7.72
N ASP A 333 -7.57 -20.60 8.52
CA ASP A 333 -8.66 -19.75 8.05
C ASP A 333 -8.13 -18.49 7.38
N CYS A 334 -8.36 -18.36 6.08
CA CYS A 334 -7.81 -17.24 5.32
C CYS A 334 -8.89 -16.34 4.72
N TRP A 335 -8.59 -15.04 4.70
CA TRP A 335 -9.45 -14.04 4.07
C TRP A 335 -8.63 -13.23 3.07
N ASP A 336 -9.19 -13.01 1.89
CA ASP A 336 -8.49 -12.31 0.82
C ASP A 336 -9.17 -11.00 0.44
N ALA A 337 -8.42 -9.91 0.52
CA ALA A 337 -8.89 -8.64 0.00
C ALA A 337 -8.70 -8.65 -1.51
N GLU A 338 -9.83 -8.70 -2.23
CA GLU A 338 -9.83 -8.79 -3.67
C GLU A 338 -10.46 -7.56 -4.31
N SER A 339 -9.94 -7.21 -5.48
CA SER A 339 -10.44 -6.07 -6.22
C SER A 339 -10.93 -6.52 -7.59
N LYS A 340 -11.91 -5.79 -8.13
CA LYS A 340 -12.43 -6.10 -9.44
C LYS A 340 -11.72 -5.23 -10.46
N THR A 341 -11.09 -5.86 -11.45
CA THR A 341 -10.38 -5.15 -12.51
C THR A 341 -10.87 -5.64 -13.85
N SER A 342 -10.27 -5.15 -14.93
CA SER A 342 -10.64 -5.61 -16.27
C SER A 342 -10.24 -7.08 -16.44
N TYR A 343 -9.27 -7.51 -15.65
CA TYR A 343 -8.83 -8.91 -15.64
C TYR A 343 -9.73 -9.76 -14.76
N GLY A 344 -10.61 -9.11 -14.00
CA GLY A 344 -11.52 -9.82 -13.11
C GLY A 344 -11.15 -9.60 -11.66
N TRP A 345 -11.68 -10.45 -10.77
CA TRP A 345 -11.38 -10.36 -9.35
C TRP A 345 -9.99 -10.90 -9.08
N ILE A 346 -9.10 -10.02 -8.63
CA ILE A 346 -7.75 -10.45 -8.29
C ILE A 346 -7.49 -10.25 -6.81
N GLU A 347 -6.60 -11.08 -6.27
CA GLU A 347 -6.24 -10.99 -4.86
C GLU A 347 -5.11 -9.98 -4.71
N ILE A 348 -5.30 -9.00 -3.84
CA ILE A 348 -4.26 -7.99 -3.65
C ILE A 348 -3.70 -7.97 -2.23
N VAL A 349 -4.49 -8.50 -1.28
CA VAL A 349 -4.00 -8.71 0.08
C VAL A 349 -4.40 -10.09 0.58
N GLY A 350 -3.49 -10.75 1.29
CA GLY A 350 -3.76 -12.06 1.86
C GLY A 350 -3.72 -12.10 3.37
N CYS A 351 -4.89 -12.16 3.99
CA CYS A 351 -5.00 -12.29 5.45
C CYS A 351 -5.23 -13.75 5.84
N ALA A 352 -4.16 -14.44 6.22
CA ALA A 352 -4.25 -15.84 6.59
C ALA A 352 -3.78 -16.03 8.03
N ASP A 353 -4.55 -16.72 8.85
CA ASP A 353 -4.25 -16.74 10.28
C ASP A 353 -4.02 -18.15 10.76
N ARG A 354 -2.77 -18.58 10.77
CA ARG A 354 -2.49 -19.99 11.12
C ARG A 354 -1.73 -20.19 12.40
N SER A 355 -2.44 -20.74 13.40
CA SER A 355 -1.91 -21.05 14.71
C SER A 355 -0.63 -21.91 14.85
N CYS A 356 -0.80 -23.21 14.65
CA CYS A 356 0.32 -24.14 14.69
C CYS A 356 1.06 -24.40 13.38
N TYR A 357 2.37 -24.52 13.48
CA TYR A 357 3.11 -23.73 12.53
C TYR A 357 4.33 -24.20 11.75
N ASP A 358 5.02 -23.15 11.31
CA ASP A 358 6.36 -23.18 10.78
C ASP A 358 7.27 -22.75 11.96
N LEU A 359 6.74 -21.96 12.89
CA LEU A 359 7.49 -21.61 14.11
C LEU A 359 7.88 -22.91 14.82
N SER A 360 6.88 -23.78 14.89
CA SER A 360 7.08 -25.17 15.28
C SER A 360 8.10 -25.86 14.38
N CYS A 361 7.91 -25.80 13.06
CA CYS A 361 8.79 -26.50 12.11
C CYS A 361 10.28 -26.17 12.31
N HIS A 362 10.59 -24.89 12.25
CA HIS A 362 11.91 -24.35 12.53
C HIS A 362 12.40 -24.75 13.93
N ALA A 363 11.50 -24.68 14.91
CA ALA A 363 11.85 -25.10 16.28
C ALA A 363 12.23 -26.58 16.36
N ARG A 364 11.72 -27.37 15.42
CA ARG A 364 12.02 -28.80 15.34
C ARG A 364 13.34 -29.03 14.60
N ALA A 365 13.43 -28.46 13.41
CA ALA A 365 14.58 -28.65 12.53
C ALA A 365 15.85 -28.15 13.18
N THR A 366 15.75 -27.04 13.89
CA THR A 366 16.90 -26.43 14.54
C THR A 366 17.03 -26.89 16.00
N LYS A 367 15.97 -27.49 16.52
CA LYS A 367 15.91 -27.88 17.94
C LYS A 367 16.07 -26.66 18.85
N VAL A 368 15.38 -25.58 18.52
CA VAL A 368 15.42 -24.35 19.30
C VAL A 368 14.00 -23.87 19.58
N PRO A 369 13.55 -24.00 20.84
CA PRO A 369 12.20 -23.61 21.25
C PRO A 369 11.85 -22.15 20.93
N LEU A 370 10.83 -21.96 20.11
CA LEU A 370 10.33 -20.64 19.77
C LEU A 370 8.95 -20.48 20.39
N VAL A 371 8.92 -20.09 21.66
CA VAL A 371 7.71 -20.14 22.47
C VAL A 371 7.70 -19.00 23.49
N ALA A 372 6.55 -18.35 23.66
CA ALA A 372 6.38 -17.33 24.69
C ALA A 372 6.11 -17.99 26.03
N GLU A 373 6.09 -17.21 27.11
CA GLU A 373 5.71 -17.78 28.40
C GLU A 373 4.78 -16.88 29.20
N LYS A 374 3.77 -17.47 29.80
CA LYS A 374 2.78 -16.71 30.54
C LYS A 374 2.78 -17.09 32.02
N PRO A 375 2.95 -16.10 32.90
CA PRO A 375 2.91 -16.34 34.34
C PRO A 375 1.51 -16.76 34.76
N LEU A 376 1.39 -17.40 35.92
CA LEU A 376 0.09 -17.87 36.38
C LEU A 376 -0.48 -17.02 37.50
N LYS A 377 -1.76 -16.69 37.38
CA LYS A 377 -2.49 -16.05 38.46
C LYS A 377 -2.52 -16.99 39.66
N GLU A 378 -2.77 -18.27 39.40
CA GLU A 378 -2.74 -19.29 40.43
C GLU A 378 -1.76 -20.40 40.08
N PRO A 379 -0.56 -20.37 40.69
CA PRO A 379 0.53 -21.33 40.46
C PRO A 379 0.11 -22.76 40.76
N LYS A 380 0.20 -23.63 39.75
CA LYS A 380 -0.22 -25.01 39.87
C LYS A 380 0.88 -25.92 40.41
N THR A 381 0.50 -26.81 41.32
CA THR A 381 1.42 -27.75 41.93
C THR A 381 1.10 -29.17 41.48
N VAL A 382 2.11 -29.85 40.95
CA VAL A 382 1.93 -31.22 40.50
C VAL A 382 2.83 -32.18 41.28
N ARG A 450 7.13 -38.72 40.84
CA ARG A 450 6.46 -37.46 41.16
C ARG A 450 7.14 -36.73 42.32
N PHE A 451 6.56 -35.61 42.73
CA PHE A 451 7.16 -34.67 43.65
C PHE A 451 6.16 -33.51 43.78
N GLN A 452 6.33 -32.66 44.80
CA GLN A 452 5.64 -31.38 44.84
C GLN A 452 6.43 -30.44 43.93
N LYS A 453 5.80 -30.03 42.83
CA LYS A 453 6.46 -29.15 41.87
C LYS A 453 5.52 -28.07 41.41
N THR A 454 5.65 -26.89 42.01
CA THR A 454 4.80 -25.77 41.63
C THR A 454 5.27 -25.16 40.31
N LEU A 455 4.32 -24.95 39.40
CA LEU A 455 4.62 -24.29 38.13
C LEU A 455 4.08 -22.87 38.19
N TYR A 456 4.86 -21.93 37.66
CA TYR A 456 4.51 -20.52 37.77
C TYR A 456 4.36 -19.90 36.40
N VAL A 457 4.81 -20.62 35.37
CA VAL A 457 4.66 -20.18 34.00
C VAL A 457 4.22 -21.34 33.11
N GLU A 458 3.46 -21.00 32.08
CA GLU A 458 3.07 -21.97 31.07
C GLU A 458 3.69 -21.57 29.75
N GLU A 459 4.20 -22.55 29.01
CA GLU A 459 4.72 -22.28 27.69
C GLU A 459 3.55 -22.04 26.75
N VAL A 460 3.72 -21.06 25.86
CA VAL A 460 2.66 -20.69 24.93
C VAL A 460 3.21 -20.56 23.52
N VAL A 461 2.79 -21.44 22.62
CA VAL A 461 3.06 -21.21 21.21
C VAL A 461 1.92 -20.37 20.64
N PRO A 462 2.24 -19.14 20.23
CA PRO A 462 1.21 -18.17 19.84
C PRO A 462 0.61 -18.40 18.45
N ASN A 463 -0.69 -18.16 18.33
CA ASN A 463 -1.35 -18.09 17.04
C ASN A 463 -0.74 -16.95 16.24
N VAL A 464 -0.67 -17.09 14.92
CA VAL A 464 -0.15 -16.00 14.11
C VAL A 464 -1.07 -15.55 12.98
N ILE A 465 -1.44 -14.27 13.02
CA ILE A 465 -2.22 -13.66 11.95
C ILE A 465 -1.29 -13.00 10.95
N GLU A 466 -1.45 -13.32 9.67
CA GLU A 466 -0.56 -12.80 8.65
C GLU A 466 -1.29 -12.14 7.48
N PRO A 467 -1.44 -10.82 7.53
CA PRO A 467 -1.82 -9.95 6.41
C PRO A 467 -0.61 -9.57 5.54
N SER A 468 -0.61 -10.04 4.29
CA SER A 468 0.46 -9.71 3.35
C SER A 468 -0.08 -8.93 2.15
N PHE A 469 0.50 -7.77 1.90
CA PHE A 469 0.03 -6.84 0.87
C PHE A 469 0.91 -6.93 -0.36
N GLY A 470 0.28 -7.13 -1.52
CA GLY A 470 1.02 -7.13 -2.77
C GLY A 470 0.96 -5.77 -3.43
N LEU A 471 2.07 -5.03 -3.36
CA LEU A 471 2.07 -3.63 -3.76
C LEU A 471 1.92 -3.38 -5.26
N GLY A 472 2.44 -4.29 -6.09
CA GLY A 472 2.30 -4.17 -7.53
C GLY A 472 0.83 -4.16 -7.92
N ARG A 473 0.07 -5.03 -7.26
CA ARG A 473 -1.35 -5.18 -7.56
C ARG A 473 -2.21 -4.07 -6.97
N ILE A 474 -1.88 -3.64 -5.76
CA ILE A 474 -2.53 -2.47 -5.15
C ILE A 474 -2.34 -1.27 -6.07
N MET A 475 -1.10 -1.12 -6.56
CA MET A 475 -0.75 -0.10 -7.53
C MET A 475 -1.64 -0.17 -8.76
N TYR A 476 -1.63 -1.34 -9.42
CA TYR A 476 -2.38 -1.51 -10.66
C TYR A 476 -3.87 -1.24 -10.47
N THR A 477 -4.42 -1.73 -9.36
CA THR A 477 -5.80 -1.50 -9.00
C THR A 477 -6.08 -0.01 -8.92
N VAL A 478 -5.19 0.72 -8.24
CA VAL A 478 -5.27 2.18 -8.21
C VAL A 478 -5.32 2.74 -9.63
N PHE A 479 -4.45 2.25 -10.50
CA PHE A 479 -4.44 2.68 -11.90
C PHE A 479 -5.81 2.53 -12.56
N GLU A 480 -6.34 1.30 -12.56
CA GLU A 480 -7.61 1.03 -13.23
C GLU A 480 -8.79 1.81 -12.65
N HIS A 481 -8.84 1.94 -11.33
CA HIS A 481 -9.95 2.65 -10.69
C HIS A 481 -9.88 4.16 -10.90
N THR A 482 -8.66 4.69 -10.86
CA THR A 482 -8.46 6.14 -10.96
C THR A 482 -8.44 6.66 -12.40
N PHE A 483 -8.13 5.77 -13.34
CA PHE A 483 -8.01 6.16 -14.75
C PHE A 483 -9.29 6.74 -15.31
N HIS A 484 -9.24 8.01 -15.72
CA HIS A 484 -10.40 8.68 -16.28
C HIS A 484 -10.06 9.40 -17.59
N VAL A 485 -11.07 9.66 -18.40
CA VAL A 485 -10.89 10.39 -19.65
C VAL A 485 -11.82 11.60 -19.71
N ARG A 486 -11.27 12.75 -20.08
CA ARG A 486 -12.04 14.00 -20.11
C ARG A 486 -13.20 13.94 -21.09
N GLU A 487 -14.18 14.82 -20.90
CA GLU A 487 -15.33 14.92 -21.79
C GLU A 487 -15.08 15.99 -22.85
N GLY A 488 -14.93 15.56 -24.10
CA GLY A 488 -14.69 16.48 -25.21
C GLY A 488 -13.39 16.14 -25.92
N ASP A 489 -12.27 16.48 -25.28
CA ASP A 489 -10.96 16.15 -25.80
C ASP A 489 -10.52 14.83 -25.18
N GLU A 490 -10.87 13.72 -25.83
CA GLU A 490 -10.59 12.39 -25.28
C GLU A 490 -9.14 11.97 -25.44
N GLN A 491 -8.32 12.89 -25.95
CA GLN A 491 -6.87 12.71 -25.94
C GLN A 491 -6.38 13.12 -24.55
N ARG A 492 -7.24 13.84 -23.84
CA ARG A 492 -6.93 14.26 -22.47
C ARG A 492 -7.38 13.20 -21.48
N THR A 493 -6.42 12.48 -20.92
CA THR A 493 -6.70 11.48 -19.91
C THR A 493 -6.06 11.94 -18.62
N PHE A 494 -6.55 11.42 -17.50
CA PHE A 494 -5.97 11.74 -16.21
C PHE A 494 -6.22 10.63 -15.19
N PHE A 495 -5.45 10.67 -14.11
CA PHE A 495 -5.68 9.77 -12.99
C PHE A 495 -6.23 10.55 -11.81
N SER A 496 -6.99 9.86 -10.98
CA SER A 496 -7.69 10.47 -9.86
C SER A 496 -7.07 10.10 -8.52
N PHE A 497 -5.75 9.93 -8.51
CA PHE A 497 -5.00 9.62 -7.31
C PHE A 497 -5.44 10.48 -6.14
N PRO A 498 -5.73 9.86 -4.99
CA PRO A 498 -5.99 10.64 -3.77
C PRO A 498 -4.80 11.54 -3.46
N ALA A 499 -5.09 12.74 -2.96
CA ALA A 499 -4.08 13.77 -2.77
C ALA A 499 -2.97 13.39 -1.78
N VAL A 500 -3.12 12.25 -1.11
CA VAL A 500 -2.14 11.81 -0.14
C VAL A 500 -1.12 10.85 -0.74
N VAL A 501 -1.40 10.38 -1.96
CA VAL A 501 -0.52 9.46 -2.65
C VAL A 501 -0.07 9.98 -4.02
N ALA A 502 -0.72 11.04 -4.49
CA ALA A 502 -0.37 11.65 -5.77
C ALA A 502 1.14 11.84 -5.88
N PRO A 503 1.73 11.39 -7.00
CA PRO A 503 3.17 11.47 -7.21
C PRO A 503 3.65 12.89 -7.02
N PHE A 504 2.92 13.84 -7.59
CA PHE A 504 3.18 15.25 -7.38
C PHE A 504 1.91 15.95 -6.91
N LYS A 505 1.98 16.57 -5.75
CA LYS A 505 0.82 17.25 -5.16
C LYS A 505 0.52 18.52 -5.93
N CYS A 506 1.58 19.12 -6.47
CA CYS A 506 1.46 20.43 -7.09
C CYS A 506 2.27 20.55 -8.37
N SER A 507 1.77 21.35 -9.29
CA SER A 507 2.48 21.68 -10.51
C SER A 507 2.56 23.19 -10.60
N VAL A 508 3.74 23.71 -10.89
CA VAL A 508 3.95 25.15 -10.91
C VAL A 508 4.01 25.68 -12.32
N LEU A 509 2.99 26.43 -12.73
CA LEU A 509 2.82 26.78 -14.12
C LEU A 509 2.57 28.27 -14.32
N PRO A 510 3.31 28.89 -15.26
CA PRO A 510 3.03 30.24 -15.74
C PRO A 510 2.13 30.21 -16.97
N LEU A 511 1.48 31.34 -17.29
CA LEU A 511 0.57 31.39 -18.44
C LEU A 511 1.31 31.14 -19.76
N SER A 512 2.17 32.08 -20.12
CA SER A 512 2.98 31.95 -21.33
C SER A 512 4.44 32.20 -21.00
N GLN A 513 5.31 32.01 -21.98
CA GLN A 513 6.75 32.12 -21.77
C GLN A 513 7.25 33.52 -21.36
N ASN A 514 6.32 34.45 -21.17
CA ASN A 514 6.65 35.82 -20.74
C ASN A 514 7.57 35.88 -19.51
N GLN A 515 8.69 36.59 -19.66
CA GLN A 515 9.76 36.61 -18.67
C GLN A 515 9.35 37.06 -17.26
N GLU A 516 8.42 38.01 -17.16
CA GLU A 516 8.04 38.56 -15.86
C GLU A 516 7.41 37.52 -14.91
N PHE A 517 7.27 36.30 -15.40
CA PHE A 517 6.73 35.19 -14.62
C PHE A 517 7.82 34.41 -13.89
N MET A 518 9.04 34.44 -14.43
CA MET A 518 10.19 33.73 -13.86
C MET A 518 10.47 33.96 -12.36
N PRO A 519 10.36 35.22 -11.87
CA PRO A 519 10.55 35.42 -10.43
C PRO A 519 9.64 34.55 -9.55
N PHE A 520 8.33 34.80 -9.60
CA PHE A 520 7.37 34.16 -8.71
C PHE A 520 7.40 32.65 -8.78
N VAL A 521 7.70 32.12 -9.96
CA VAL A 521 7.82 30.68 -10.18
C VAL A 521 8.92 30.10 -9.30
N LYS A 522 10.11 30.70 -9.38
CA LYS A 522 11.25 30.25 -8.58
C LYS A 522 10.99 30.46 -7.09
N GLU A 523 10.46 31.63 -6.75
CA GLU A 523 10.23 32.01 -5.35
C GLU A 523 9.36 31.00 -4.63
N LEU A 524 8.38 30.45 -5.34
CA LEU A 524 7.47 29.49 -4.75
C LEU A 524 7.98 28.06 -4.87
N SER A 525 8.74 27.77 -5.92
CA SER A 525 9.31 26.44 -6.13
C SER A 525 10.30 26.15 -5.00
N GLU A 526 11.05 27.17 -4.62
CA GLU A 526 11.94 27.07 -3.48
C GLU A 526 11.13 27.12 -2.18
N ALA A 527 9.93 27.69 -2.26
CA ALA A 527 9.05 27.78 -1.10
C ALA A 527 8.34 26.46 -0.81
N LEU A 528 7.86 25.80 -1.87
CA LEU A 528 7.20 24.50 -1.72
C LEU A 528 8.15 23.44 -1.18
N THR A 529 9.40 23.46 -1.64
CA THR A 529 10.43 22.54 -1.15
C THR A 529 10.63 22.69 0.35
N ARG A 530 10.66 23.94 0.81
CA ARG A 530 10.83 24.25 2.22
C ARG A 530 9.69 23.66 3.05
N HIS A 531 8.52 23.57 2.43
CA HIS A 531 7.36 22.98 3.08
C HIS A 531 7.27 21.48 2.77
N GLY A 532 8.24 20.97 2.03
CA GLY A 532 8.36 19.55 1.77
C GLY A 532 7.42 19.00 0.70
N VAL A 533 6.72 19.90 0.01
CA VAL A 533 5.75 19.48 -1.00
C VAL A 533 6.42 19.02 -2.29
N SER A 534 6.02 17.85 -2.76
CA SER A 534 6.47 17.35 -4.05
C SER A 534 5.81 18.14 -5.17
N HIS A 535 6.60 18.89 -5.92
CA HIS A 535 6.06 19.71 -7.00
C HIS A 535 6.79 19.54 -8.33
N LYS A 536 6.06 19.76 -9.42
CA LYS A 536 6.64 19.76 -10.76
C LYS A 536 6.40 21.11 -11.42
N VAL A 537 7.45 21.93 -11.50
CA VAL A 537 7.32 23.22 -12.16
C VAL A 537 7.49 23.10 -13.68
N ASP A 538 6.40 23.35 -14.38
CA ASP A 538 6.39 23.28 -15.83
C ASP A 538 6.38 24.66 -16.46
N ASP A 539 7.54 25.08 -16.96
CA ASP A 539 7.64 26.37 -17.63
C ASP A 539 8.05 26.21 -19.10
N SER A 540 7.58 25.13 -19.72
CA SER A 540 7.97 24.84 -21.10
C SER A 540 7.13 25.62 -22.12
N SER A 541 7.51 25.48 -23.39
CA SER A 541 6.99 26.31 -24.49
C SER A 541 5.46 26.41 -24.62
N GLY A 542 4.80 25.26 -24.68
CA GLY A 542 3.37 25.18 -25.00
C GLY A 542 2.42 25.98 -24.14
N SER A 543 1.17 26.06 -24.56
CA SER A 543 0.17 26.86 -23.85
C SER A 543 -0.24 26.23 -22.54
N ILE A 544 -1.05 26.95 -21.77
CA ILE A 544 -1.49 26.47 -20.47
C ILE A 544 -2.29 25.18 -20.56
N GLY A 545 -3.12 25.04 -21.59
CA GLY A 545 -3.96 23.88 -21.75
C GLY A 545 -3.17 22.61 -21.99
N ARG A 546 -2.15 22.72 -22.84
CA ARG A 546 -1.26 21.61 -23.14
C ARG A 546 -0.56 21.11 -21.89
N ARG A 547 0.04 22.04 -21.15
CA ARG A 547 0.77 21.69 -19.94
C ARG A 547 -0.15 21.12 -18.87
N TYR A 548 -1.37 21.64 -18.80
CA TYR A 548 -2.40 21.07 -17.95
C TYR A 548 -2.61 19.62 -18.32
N ALA A 549 -2.82 19.37 -19.60
CA ALA A 549 -3.03 18.01 -20.09
C ALA A 549 -1.88 17.10 -19.68
N ARG A 550 -0.66 17.61 -19.79
CA ARG A 550 0.53 16.89 -19.33
C ARG A 550 0.48 16.52 -17.85
N THR A 551 0.22 17.51 -17.00
CA THR A 551 0.28 17.31 -15.54
C THR A 551 -0.87 16.46 -15.03
N ASP A 552 -2.05 16.68 -15.59
CA ASP A 552 -3.23 15.88 -15.30
C ASP A 552 -2.97 14.44 -15.72
N GLU A 553 -2.28 14.29 -16.85
CA GLU A 553 -1.98 12.97 -17.38
C GLU A 553 -1.19 12.12 -16.40
N ILE A 554 -0.30 12.76 -15.64
CA ILE A 554 0.46 12.04 -14.62
C ILE A 554 -0.18 12.16 -13.25
N GLY A 555 -1.37 12.74 -13.21
CA GLY A 555 -2.16 12.80 -11.99
C GLY A 555 -1.68 13.78 -10.94
N VAL A 556 -1.06 14.88 -11.38
CA VAL A 556 -0.70 15.95 -10.47
C VAL A 556 -1.97 16.47 -9.80
N ALA A 557 -1.95 16.55 -8.48
CA ALA A 557 -3.16 16.86 -7.71
C ALA A 557 -3.70 18.27 -7.93
N PHE A 558 -2.81 19.27 -7.95
CA PHE A 558 -3.25 20.66 -8.09
C PHE A 558 -2.30 21.47 -8.96
N GLY A 559 -2.83 22.55 -9.55
CA GLY A 559 -2.02 23.42 -10.39
C GLY A 559 -1.98 24.87 -9.94
N VAL A 560 -0.79 25.42 -9.78
CA VAL A 560 -0.65 26.83 -9.45
C VAL A 560 -0.33 27.65 -10.69
N THR A 561 -1.26 28.51 -11.10
CA THR A 561 -1.03 29.36 -12.26
C THR A 561 -0.63 30.80 -11.89
N ILE A 562 0.53 31.19 -12.40
CA ILE A 562 1.04 32.54 -12.31
C ILE A 562 0.55 33.29 -13.55
N ASP A 563 -0.15 34.41 -13.35
CA ASP A 563 -0.71 35.15 -14.47
C ASP A 563 -0.39 36.64 -14.36
N PHE A 564 -0.81 37.42 -15.35
CA PHE A 564 -0.54 38.86 -15.36
C PHE A 564 -1.04 39.58 -14.10
N ASP A 565 -2.04 39.02 -13.44
CA ASP A 565 -2.56 39.62 -12.21
C ASP A 565 -1.68 39.30 -11.00
N THR A 566 -0.63 38.51 -11.22
CA THR A 566 0.33 38.21 -10.16
C THR A 566 1.41 39.29 -10.15
N VAL A 567 1.71 39.82 -11.33
CA VAL A 567 2.80 40.78 -11.49
C VAL A 567 2.34 42.21 -11.16
N ASN A 568 1.04 42.43 -11.17
CA ASN A 568 0.51 43.79 -11.03
C ASN A 568 -0.47 43.98 -9.86
N LYS A 569 -0.33 43.15 -8.84
CA LYS A 569 -1.21 43.25 -7.67
C LYS A 569 -0.39 43.44 -6.39
N THR A 570 -0.98 44.14 -5.42
CA THR A 570 -0.28 44.39 -4.15
C THR A 570 -0.20 43.13 -3.27
N PRO A 571 -1.35 42.52 -2.92
CA PRO A 571 -1.15 41.17 -2.39
C PRO A 571 -1.04 40.19 -3.56
N HIS A 572 0.18 39.78 -3.88
CA HIS A 572 0.43 38.92 -5.04
C HIS A 572 -0.34 37.60 -4.95
N THR A 573 -1.25 37.40 -5.91
CA THR A 573 -2.09 36.20 -5.93
C THR A 573 -1.88 35.37 -7.19
N ALA A 574 -1.93 34.04 -7.02
CA ALA A 574 -1.92 33.11 -8.13
C ALA A 574 -3.16 32.23 -8.01
N THR A 575 -3.40 31.37 -9.00
CA THR A 575 -4.58 30.52 -8.93
C THR A 575 -4.25 29.06 -8.62
N LEU A 576 -5.21 28.36 -8.03
CA LEU A 576 -5.06 26.95 -7.70
C LEU A 576 -6.18 26.15 -8.35
N ARG A 577 -5.79 25.26 -9.26
CA ARG A 577 -6.72 24.45 -10.03
C ARG A 577 -6.79 23.03 -9.49
N ASP A 578 -8.01 22.53 -9.34
CA ASP A 578 -8.27 21.16 -8.94
C ASP A 578 -8.21 20.28 -10.19
N ARG A 579 -7.33 19.28 -10.15
CA ARG A 579 -7.14 18.37 -11.28
C ARG A 579 -8.45 17.71 -11.70
N ASP A 580 -9.12 17.08 -10.75
CA ASP A 580 -10.37 16.35 -11.01
C ASP A 580 -11.47 17.19 -11.68
N SER A 581 -11.87 18.27 -11.02
CA SER A 581 -13.04 19.04 -11.41
C SER A 581 -12.79 20.06 -12.52
N MET A 582 -11.54 20.47 -12.70
CA MET A 582 -11.13 21.59 -13.58
C MET A 582 -11.53 22.93 -12.99
N ARG A 583 -11.90 22.93 -11.72
CA ARG A 583 -12.28 24.15 -11.03
C ARG A 583 -11.05 24.87 -10.46
N GLN A 584 -11.15 26.19 -10.34
CA GLN A 584 -10.03 26.97 -9.84
C GLN A 584 -10.44 27.92 -8.73
N ILE A 585 -9.48 28.29 -7.91
CA ILE A 585 -9.64 29.38 -6.95
C ILE A 585 -8.46 30.33 -7.12
N ARG A 586 -8.51 31.49 -6.47
CA ARG A 586 -7.37 32.39 -6.52
C ARG A 586 -6.97 32.84 -5.11
N ALA A 587 -5.70 32.66 -4.79
CA ALA A 587 -5.21 32.99 -3.45
C ALA A 587 -3.81 33.57 -3.51
N GLU A 588 -3.44 34.35 -2.50
CA GLU A 588 -2.13 34.97 -2.44
C GLU A 588 -1.03 33.90 -2.50
N ILE A 589 0.10 34.26 -3.12
CA ILE A 589 1.19 33.30 -3.32
C ILE A 589 1.93 32.96 -2.04
N SER A 590 1.64 33.71 -0.97
CA SER A 590 2.35 33.53 0.29
C SER A 590 1.80 32.38 1.13
N GLU A 591 0.52 32.06 0.94
CA GLU A 591 -0.09 30.98 1.71
C GLU A 591 -0.43 29.75 0.85
N LEU A 592 -0.09 29.83 -0.43
CA LEU A 592 -0.27 28.68 -1.32
C LEU A 592 0.46 27.40 -0.88
N PRO A 593 1.73 27.50 -0.44
CA PRO A 593 2.38 26.27 0.01
C PRO A 593 1.67 25.65 1.21
N SER A 594 1.13 26.49 2.09
CA SER A 594 0.40 26.03 3.25
C SER A 594 -0.80 25.21 2.80
N ILE A 595 -1.61 25.81 1.93
CA ILE A 595 -2.79 25.18 1.36
C ILE A 595 -2.43 23.83 0.73
N VAL A 596 -1.57 23.86 -0.29
CA VAL A 596 -1.16 22.63 -0.98
C VAL A 596 -0.69 21.56 0.00
N GLN A 597 0.23 21.94 0.88
CA GLN A 597 0.78 21.04 1.89
C GLN A 597 -0.31 20.36 2.72
N ASP A 598 -1.28 21.13 3.18
CA ASP A 598 -2.35 20.55 3.99
C ASP A 598 -3.28 19.62 3.20
N LEU A 599 -3.59 19.99 1.95
CA LEU A 599 -4.39 19.10 1.10
C LEU A 599 -3.63 17.81 0.81
N ALA A 600 -2.31 17.88 0.78
CA ALA A 600 -1.53 16.68 0.53
C ALA A 600 -1.44 15.82 1.78
N ASN A 601 -1.67 16.43 2.93
CA ASN A 601 -1.72 15.68 4.19
C ASN A 601 -3.14 15.48 4.72
N GLY A 602 -4.09 15.40 3.79
CA GLY A 602 -5.45 14.99 4.07
C GLY A 602 -6.24 15.64 5.19
N ASN A 603 -5.74 16.73 5.77
CA ASN A 603 -6.48 17.36 6.85
C ASN A 603 -7.70 18.13 6.33
N ILE A 604 -7.63 18.57 5.09
CA ILE A 604 -8.78 19.15 4.39
C ILE A 604 -8.88 18.66 2.95
N THR A 605 -10.10 18.69 2.41
CA THR A 605 -10.35 18.28 1.03
C THR A 605 -10.41 19.52 0.13
N TRP A 606 -10.76 19.31 -1.14
CA TRP A 606 -10.88 20.43 -2.07
C TRP A 606 -12.09 21.29 -1.75
N ALA A 607 -13.15 20.67 -1.28
CA ALA A 607 -14.40 21.36 -0.98
C ALA A 607 -14.22 22.46 0.06
N ASP A 608 -13.45 22.17 1.11
CA ASP A 608 -13.26 23.15 2.18
C ASP A 608 -12.34 24.29 1.78
N VAL A 609 -11.46 24.01 0.82
CA VAL A 609 -10.62 25.05 0.23
C VAL A 609 -11.52 25.94 -0.59
N GLU A 610 -12.42 25.32 -1.32
CA GLU A 610 -13.38 25.98 -2.19
C GLU A 610 -14.31 26.84 -1.35
N ALA A 611 -14.48 26.47 -0.09
CA ALA A 611 -15.33 27.22 0.81
C ALA A 611 -14.55 28.32 1.56
N ARG A 612 -13.26 28.10 1.76
CA ARG A 612 -12.43 29.03 2.53
C ARG A 612 -11.87 30.19 1.70
N TYR A 613 -11.74 29.97 0.40
CA TYR A 613 -11.12 30.96 -0.48
C TYR A 613 -12.03 31.40 -1.63
N PRO A 614 -11.77 32.60 -2.20
CA PRO A 614 -12.55 33.05 -3.35
C PRO A 614 -12.09 32.39 -4.64
N LEU A 615 -13.05 31.91 -5.42
CA LEU A 615 -12.75 31.17 -6.65
C LEU A 615 -12.20 32.05 -7.77
N PHE A 616 -11.79 31.41 -8.86
CA PHE A 616 -11.31 32.12 -10.03
C PHE A 616 -12.47 32.36 -10.99
N GLU A 617 -12.73 33.63 -11.31
CA GLU A 617 -13.85 33.99 -12.17
C GLU A 617 -13.38 34.50 -13.53
N GLY A 618 -12.14 34.99 -13.57
CA GLY A 618 -11.58 35.53 -14.79
C GLY A 618 -10.34 36.38 -14.54
N GLN A 619 -9.47 36.45 -15.54
CA GLN A 619 -8.25 37.25 -15.43
C GLN A 619 -8.58 38.73 -15.54
N GLU A 620 -8.40 39.46 -14.44
CA GLU A 620 -8.73 40.88 -14.37
C GLU A 620 -7.89 41.69 -15.35
PG GTP B 1 5.55 -16.70 -25.85
O1G GTP B 1 6.33 -15.51 -25.43
O2G GTP B 1 4.07 -16.38 -25.95
O3G GTP B 1 6.08 -17.17 -27.14
O3B GTP B 1 5.79 -17.84 -24.77
PB GTP B 1 7.21 -18.52 -24.60
O1B GTP B 1 8.26 -17.46 -24.73
O2B GTP B 1 7.40 -19.58 -25.56
O3A GTP B 1 7.26 -19.07 -23.16
PA GTP B 1 8.37 -20.07 -22.74
O1A GTP B 1 8.85 -19.65 -21.39
O2A GTP B 1 9.49 -20.09 -23.73
O5' GTP B 1 7.67 -21.54 -22.60
C5' GTP B 1 7.88 -22.30 -21.47
C4' GTP B 1 7.33 -23.72 -21.47
O4' GTP B 1 6.41 -23.88 -20.44
C3' GTP B 1 6.64 -23.99 -22.73
O3' GTP B 1 7.40 -24.82 -23.53
C2' GTP B 1 5.45 -24.64 -22.38
O2' GTP B 1 5.60 -26.07 -22.50
C1' GTP B 1 5.19 -24.24 -20.99
N9 GTP B 1 4.27 -23.14 -20.89
C8 GTP B 1 4.41 -21.91 -20.53
N7 GTP B 1 3.36 -21.27 -20.58
C5 GTP B 1 2.33 -21.97 -20.98
C6 GTP B 1 0.99 -21.77 -21.21
O6 GTP B 1 0.39 -20.51 -21.00
N1 GTP B 1 0.24 -22.81 -21.63
C2 GTP B 1 0.78 -24.05 -21.86
N2 GTP B 1 -0.08 -25.12 -22.32
N3 GTP B 1 2.10 -24.29 -21.65
C4 GTP B 1 2.89 -23.31 -21.22
P AMP C . 0.65 -15.32 -1.53
O1P AMP C . 0.68 -16.38 -0.42
O2P AMP C . -0.41 -15.53 -2.60
O3P AMP C . 2.00 -14.90 -2.10
O5' AMP C . 0.18 -13.99 -0.79
C5' AMP C . -0.78 -13.13 -1.40
C4' AMP C . -0.11 -11.88 -1.92
O4' AMP C . 1.06 -12.25 -2.65
C3' AMP C . -0.99 -11.06 -2.86
O3' AMP C . -1.25 -9.79 -2.30
C2' AMP C . -0.16 -10.87 -4.15
O2' AMP C . -0.10 -9.53 -4.58
C1' AMP C . 1.22 -11.42 -3.78
N9 AMP C . 1.79 -12.22 -4.87
C8 AMP C . 1.96 -13.56 -4.85
N7 AMP C . 2.48 -13.98 -6.05
C5 AMP C . 2.60 -12.91 -6.85
C6 AMP C . 3.06 -12.65 -8.23
N6 AMP C . 3.50 -13.66 -9.03
N1 AMP C . 3.02 -11.38 -8.68
C2 AMP C . 2.59 -10.36 -7.90
N3 AMP C . 2.15 -10.52 -6.63
C4 AMP C . 2.13 -11.75 -6.06
#